data_1GJV
#
_entry.id   1GJV
#
_cell.length_a   127.722
_cell.length_b   127.722
_cell.length_c   74.314
_cell.angle_alpha   90.00
_cell.angle_beta   90.00
_cell.angle_gamma   90.00
#
_symmetry.space_group_name_H-M   'P 42 21 2'
#
loop_
_entity.id
_entity.type
_entity.pdbx_description
1 polymer '[3-METHYL-2-OXOBUTANOATE DEHYDROGENASE [LIPOAMIDE]] KINASE'
2 non-polymer 'CHLORIDE ION'
3 non-polymer 'MAGNESIUM ION'
4 non-polymer 'POTASSIUM ION'
5 non-polymer 'PHOSPHOTHIOPHOSPHORIC ACID-ADENYLATE ESTER'
6 water water
#
_entity_poly.entity_id   1
_entity_poly.type   'polypeptide(L)'
_entity_poly.pdbx_seq_one_letter_code
;STSATDTHHVELARERSKTVTSFYNQSAIDVVAEKPSVRLTPTMMLYSGRSQDGSHLLKSGRYLQQELPVRIAHRIKGFR
SLPFIIGCNPTILHVHELYIRAFQKLTDFPPIKDQADEAQYCQLVRQLLDDHKDVVTLLAEGLRESRKHIEDEKLVRYFL
DKTLTSRLGIRMLATHHLALHEDKPDFVGIICTRLSPKKIIEKWVDFARRLCEHKYGNAPRVRINGHVAARFPFIPMPLD
YILPELLKNAMRATMESHLDTPYNVPDVVITIANNDVDLIIRISDRGGGIAHKDLDRVMDYHFTTAEASTQDPRISPLFG
HLDMHSGGQSGPMHGFGFGLPTSRAYAEYLGGSLQLQSLQGIGTDVYLRLRHIDGREESFRIHHHHHH
;
_entity_poly.pdbx_strand_id   A
#
# COMPACT_ATOMS: atom_id res chain seq x y z
N VAL A 38 20.48 4.50 -6.54
CA VAL A 38 19.37 3.98 -7.38
C VAL A 38 18.84 2.63 -6.87
N ARG A 39 17.90 2.68 -5.92
CA ARG A 39 17.31 1.48 -5.33
C ARG A 39 16.19 0.89 -6.16
N LEU A 40 16.08 -0.43 -6.13
CA LEU A 40 15.04 -1.12 -6.90
C LEU A 40 14.13 -1.99 -6.02
N THR A 41 13.24 -2.76 -6.65
CA THR A 41 12.31 -3.70 -5.98
C THR A 41 10.91 -3.86 -6.61
N PRO A 42 10.68 -4.88 -7.45
CA PRO A 42 11.60 -5.94 -7.92
C PRO A 42 12.26 -5.61 -9.29
N THR A 43 11.49 -5.71 -10.37
CA THR A 43 11.99 -5.42 -11.72
C THR A 43 11.82 -3.92 -11.99
N MET A 44 11.62 -3.14 -10.92
CA MET A 44 11.45 -1.69 -11.02
C MET A 44 12.60 -0.97 -10.33
N MET A 45 12.88 0.26 -10.75
CA MET A 45 13.96 1.01 -10.15
C MET A 45 13.68 2.49 -9.91
N LEU A 46 14.11 2.98 -8.75
CA LEU A 46 13.97 4.38 -8.41
C LEU A 46 15.34 5.04 -8.52
N TYR A 47 15.44 6.02 -9.42
CA TYR A 47 16.71 6.69 -9.67
C TYR A 47 17.14 7.80 -8.72
N SER A 48 18.42 7.74 -8.34
CA SER A 48 19.03 8.73 -7.47
C SER A 48 19.50 9.85 -8.40
N GLY A 49 18.73 10.93 -8.41
CA GLY A 49 18.98 12.08 -9.27
C GLY A 49 20.26 12.89 -9.22
N ARG A 50 21.03 12.77 -10.29
CA ARG A 50 22.29 13.48 -10.47
C ARG A 50 22.00 14.84 -11.13
N SER A 51 21.13 15.63 -10.48
CA SER A 51 20.67 16.95 -10.94
C SER A 51 21.42 17.66 -12.08
N GLN A 52 21.92 18.86 -11.81
CA GLN A 52 22.66 19.68 -12.79
C GLN A 52 21.79 20.14 -13.97
N ASP A 53 22.18 19.71 -15.17
CA ASP A 53 21.48 20.03 -16.41
C ASP A 53 20.01 19.57 -16.40
N GLY A 54 19.65 18.69 -15.48
CA GLY A 54 18.29 18.19 -15.42
C GLY A 54 18.27 16.93 -16.27
N SER A 55 19.46 16.43 -16.55
CA SER A 55 19.64 15.24 -17.36
C SER A 55 18.89 14.02 -16.81
N HIS A 56 18.98 13.83 -15.49
CA HIS A 56 18.33 12.72 -14.80
C HIS A 56 16.83 12.75 -15.09
N LEU A 57 16.25 13.94 -15.04
CA LEU A 57 14.83 14.09 -15.34
C LEU A 57 14.42 13.36 -16.61
N LEU A 58 15.27 13.45 -17.65
CA LEU A 58 14.99 12.79 -18.91
C LEU A 58 15.33 11.31 -18.82
N LYS A 59 16.41 10.98 -18.14
CA LYS A 59 16.77 9.58 -18.01
C LYS A 59 15.60 8.85 -17.35
N SER A 60 15.14 9.41 -16.23
CA SER A 60 14.02 8.85 -15.45
C SER A 60 12.75 8.82 -16.30
N GLY A 61 12.41 9.96 -16.90
CA GLY A 61 11.23 10.05 -17.73
C GLY A 61 11.21 9.01 -18.84
N ARG A 62 12.34 8.82 -19.51
CA ARG A 62 12.37 7.85 -20.59
C ARG A 62 12.06 6.52 -19.96
N TYR A 63 12.74 6.19 -18.87
CA TYR A 63 12.51 4.93 -18.18
C TYR A 63 11.02 4.73 -17.91
N LEU A 64 10.45 5.66 -17.14
CA LEU A 64 9.04 5.63 -16.78
C LEU A 64 8.14 5.45 -18.01
N GLN A 65 8.36 6.32 -18.99
CA GLN A 65 7.58 6.31 -20.24
C GLN A 65 7.65 4.99 -20.97
N GLN A 66 8.73 4.26 -20.82
CA GLN A 66 8.88 3.00 -21.51
C GLN A 66 8.88 1.85 -20.53
N GLU A 67 7.93 1.96 -19.59
CA GLU A 67 7.73 0.97 -18.54
C GLU A 67 6.22 0.90 -18.31
N LEU A 68 5.65 2.01 -17.84
CA LEU A 68 4.21 2.06 -17.57
C LEU A 68 3.37 1.26 -18.56
N PRO A 69 3.43 1.60 -19.86
CA PRO A 69 2.65 0.88 -20.87
C PRO A 69 2.76 -0.66 -20.81
N VAL A 70 3.99 -1.17 -20.76
CA VAL A 70 4.23 -2.61 -20.68
C VAL A 70 3.46 -3.18 -19.51
N ARG A 71 3.66 -2.56 -18.37
CA ARG A 71 3.01 -2.99 -17.17
C ARG A 71 1.48 -2.86 -17.31
N ILE A 72 0.99 -1.71 -17.81
CA ILE A 72 -0.45 -1.54 -17.99
C ILE A 72 -0.96 -2.71 -18.88
N ALA A 73 -0.23 -3.00 -19.94
CA ALA A 73 -0.61 -4.08 -20.82
C ALA A 73 -0.79 -5.37 -19.99
N HIS A 74 0.12 -5.64 -19.07
CA HIS A 74 -0.03 -6.82 -18.24
C HIS A 74 -1.37 -6.78 -17.53
N ARG A 75 -1.77 -5.61 -17.02
CA ARG A 75 -3.06 -5.53 -16.34
C ARG A 75 -4.20 -5.79 -17.31
N ILE A 76 -4.07 -5.31 -18.55
CA ILE A 76 -5.15 -5.55 -19.49
C ILE A 76 -5.33 -7.08 -19.69
N LYS A 77 -4.23 -7.84 -19.79
CA LYS A 77 -4.34 -9.28 -19.95
C LYS A 77 -5.08 -9.87 -18.77
N GLY A 78 -4.82 -9.32 -17.59
CA GLY A 78 -5.46 -9.80 -16.38
C GLY A 78 -6.97 -9.64 -16.47
N PHE A 79 -7.42 -8.51 -17.01
CA PHE A 79 -8.85 -8.29 -17.16
C PHE A 79 -9.39 -9.23 -18.22
N ARG A 80 -8.63 -9.46 -19.27
CA ARG A 80 -9.06 -10.36 -20.35
C ARG A 80 -9.22 -11.84 -19.95
N SER A 81 -8.50 -12.27 -18.93
CA SER A 81 -8.59 -13.65 -18.51
C SER A 81 -9.52 -13.88 -17.36
N LEU A 82 -10.00 -12.78 -16.78
CA LEU A 82 -10.92 -12.86 -15.66
C LEU A 82 -12.15 -13.63 -16.09
N PRO A 83 -12.76 -14.38 -15.17
CA PRO A 83 -13.97 -15.15 -15.52
C PRO A 83 -15.00 -14.25 -16.20
N PHE A 84 -15.59 -14.75 -17.28
CA PHE A 84 -16.58 -14.00 -18.06
C PHE A 84 -17.70 -13.36 -17.25
N ILE A 85 -18.31 -14.15 -16.37
CA ILE A 85 -19.39 -13.64 -15.52
C ILE A 85 -18.89 -12.39 -14.81
N ILE A 86 -17.72 -12.48 -14.18
CA ILE A 86 -17.11 -11.36 -13.47
C ILE A 86 -16.76 -10.19 -14.38
N GLY A 87 -15.97 -10.47 -15.42
CA GLY A 87 -15.55 -9.45 -16.35
C GLY A 87 -16.72 -8.71 -16.96
N CYS A 88 -17.89 -9.32 -16.89
CA CYS A 88 -19.07 -8.73 -17.47
C CYS A 88 -19.71 -7.71 -16.59
N ASN A 89 -19.43 -7.78 -15.29
CA ASN A 89 -19.99 -6.82 -14.36
C ASN A 89 -19.59 -5.43 -14.85
N PRO A 90 -20.50 -4.47 -14.70
CA PRO A 90 -20.41 -3.06 -15.07
C PRO A 90 -19.17 -2.31 -14.62
N THR A 91 -18.95 -2.22 -13.31
CA THR A 91 -17.79 -1.49 -12.84
C THR A 91 -16.49 -2.24 -13.15
N ILE A 92 -16.54 -3.57 -13.21
CA ILE A 92 -15.32 -4.26 -13.58
C ILE A 92 -14.97 -3.81 -15.00
N LEU A 93 -16.00 -3.70 -15.83
CA LEU A 93 -15.79 -3.22 -17.20
C LEU A 93 -15.26 -1.79 -17.18
N HIS A 94 -15.86 -0.95 -16.33
CA HIS A 94 -15.44 0.42 -16.25
C HIS A 94 -13.94 0.49 -15.95
N VAL A 95 -13.48 -0.28 -14.97
CA VAL A 95 -12.07 -0.25 -14.63
C VAL A 95 -11.26 -0.75 -15.82
N HIS A 96 -11.75 -1.85 -16.40
CA HIS A 96 -11.09 -2.46 -17.55
C HIS A 96 -10.90 -1.38 -18.62
N GLU A 97 -11.95 -0.57 -18.83
CA GLU A 97 -11.89 0.51 -19.80
C GLU A 97 -10.83 1.56 -19.43
N LEU A 98 -10.76 1.97 -18.16
CA LEU A 98 -9.78 2.98 -17.76
C LEU A 98 -8.40 2.51 -18.10
N TYR A 99 -8.14 1.25 -17.79
CA TYR A 99 -6.85 0.66 -18.06
C TYR A 99 -6.49 0.68 -19.52
N ILE A 100 -7.48 0.44 -20.39
CA ILE A 100 -7.20 0.48 -21.82
C ILE A 100 -6.91 1.93 -22.16
N ARG A 101 -7.74 2.84 -21.67
CA ARG A 101 -7.52 4.24 -21.94
C ARG A 101 -6.10 4.67 -21.54
N ALA A 102 -5.67 4.23 -20.37
CA ALA A 102 -4.35 4.55 -19.87
C ALA A 102 -3.31 4.06 -20.86
N PHE A 103 -3.45 2.81 -21.28
CA PHE A 103 -2.49 2.25 -22.19
C PHE A 103 -2.44 3.07 -23.46
N GLN A 104 -3.60 3.55 -23.88
CA GLN A 104 -3.65 4.34 -25.08
C GLN A 104 -3.01 5.70 -24.90
N LYS A 105 -3.50 6.49 -23.95
CA LYS A 105 -2.94 7.81 -23.73
C LYS A 105 -1.42 7.69 -23.62
N LEU A 106 -0.95 6.70 -22.86
CA LEU A 106 0.49 6.51 -22.69
C LEU A 106 1.21 6.18 -23.98
N THR A 107 0.66 5.21 -24.68
CA THR A 107 1.23 4.76 -25.94
C THR A 107 1.27 5.90 -26.96
N ASP A 108 0.23 6.73 -26.96
CA ASP A 108 0.15 7.85 -27.90
C ASP A 108 1.10 8.96 -27.51
N PHE A 109 1.82 8.79 -26.43
CA PHE A 109 2.70 9.88 -26.10
C PHE A 109 4.00 9.64 -26.84
N PRO A 110 4.49 10.67 -27.52
CA PRO A 110 5.73 10.63 -28.31
C PRO A 110 6.89 10.36 -27.38
N PRO A 111 8.00 9.84 -27.92
CA PRO A 111 9.16 9.57 -27.07
C PRO A 111 9.70 10.89 -26.54
N ILE A 112 10.17 10.89 -25.29
CA ILE A 112 10.70 12.10 -24.69
C ILE A 112 12.08 12.41 -25.27
N LYS A 113 12.21 13.62 -25.83
CA LYS A 113 13.46 14.06 -26.44
C LYS A 113 14.13 15.17 -25.62
N ASP A 114 13.31 16.05 -25.04
CA ASP A 114 13.83 17.14 -24.26
C ASP A 114 12.92 17.47 -23.07
N GLN A 115 13.34 18.42 -22.25
CA GLN A 115 12.59 18.83 -21.08
C GLN A 115 11.11 19.10 -21.31
N ALA A 116 10.79 19.88 -22.34
CA ALA A 116 9.39 20.22 -22.64
C ALA A 116 8.54 18.97 -22.78
N ASP A 117 9.14 17.93 -23.36
CA ASP A 117 8.46 16.66 -23.52
C ASP A 117 8.19 16.09 -22.12
N GLU A 118 9.29 15.76 -21.43
CA GLU A 118 9.25 15.22 -20.09
C GLU A 118 8.21 16.01 -19.29
N ALA A 119 8.29 17.33 -19.35
CA ALA A 119 7.35 18.14 -18.60
C ALA A 119 5.90 17.85 -18.90
N GLN A 120 5.53 17.77 -20.17
CA GLN A 120 4.14 17.50 -20.50
C GLN A 120 3.80 16.05 -20.15
N TYR A 121 4.81 15.19 -20.14
CA TYR A 121 4.59 13.80 -19.76
C TYR A 121 4.06 13.84 -18.31
N CYS A 122 4.80 14.52 -17.44
CA CYS A 122 4.41 14.65 -16.04
C CYS A 122 2.92 15.01 -15.93
N GLN A 123 2.45 15.86 -16.84
CA GLN A 123 1.05 16.24 -16.84
C GLN A 123 0.16 15.02 -17.08
N LEU A 124 0.59 14.16 -18.00
CA LEU A 124 -0.17 12.96 -18.34
C LEU A 124 -0.16 12.02 -17.12
N VAL A 125 1.05 11.73 -16.62
CA VAL A 125 1.17 10.85 -15.48
C VAL A 125 0.28 11.39 -14.36
N ARG A 126 0.35 12.68 -14.07
CA ARG A 126 -0.52 13.18 -13.02
C ARG A 126 -1.96 12.79 -13.32
N GLN A 127 -2.43 13.11 -14.54
CA GLN A 127 -3.80 12.81 -14.95
C GLN A 127 -4.19 11.34 -14.74
N LEU A 128 -3.39 10.40 -15.26
CA LEU A 128 -3.72 8.99 -15.09
C LEU A 128 -3.90 8.66 -13.62
N LEU A 129 -2.90 9.02 -12.81
CA LEU A 129 -2.93 8.78 -11.37
C LEU A 129 -4.26 9.25 -10.79
N ASP A 130 -4.66 10.46 -11.13
CA ASP A 130 -5.93 10.94 -10.60
C ASP A 130 -7.13 10.15 -11.15
N ASP A 131 -7.06 9.81 -12.44
CA ASP A 131 -8.11 9.05 -13.10
C ASP A 131 -8.28 7.69 -12.43
N HIS A 132 -7.19 7.13 -11.94
CA HIS A 132 -7.19 5.82 -11.31
C HIS A 132 -7.19 5.84 -9.77
N LYS A 133 -7.62 6.94 -9.17
CA LYS A 133 -7.60 7.03 -7.72
C LYS A 133 -8.62 6.13 -7.01
N ASP A 134 -9.74 5.83 -7.65
CA ASP A 134 -10.73 4.98 -6.99
C ASP A 134 -10.74 3.55 -7.47
N VAL A 135 -9.79 3.21 -8.33
CA VAL A 135 -9.70 1.87 -8.89
C VAL A 135 -9.90 0.79 -7.83
N VAL A 136 -9.17 0.87 -6.72
CA VAL A 136 -9.30 -0.14 -5.68
C VAL A 136 -10.75 -0.24 -5.13
N THR A 137 -11.39 0.89 -4.86
CA THR A 137 -12.75 0.81 -4.36
C THR A 137 -13.62 0.14 -5.39
N LEU A 138 -13.54 0.64 -6.62
CA LEU A 138 -14.32 0.12 -7.75
C LEU A 138 -14.17 -1.39 -7.84
N LEU A 139 -12.93 -1.87 -7.91
CA LEU A 139 -12.68 -3.30 -7.99
C LEU A 139 -13.39 -3.99 -6.82
N ALA A 140 -13.14 -3.51 -5.60
CA ALA A 140 -13.76 -4.10 -4.41
C ALA A 140 -15.27 -4.24 -4.63
N GLU A 141 -15.90 -3.16 -5.08
CA GLU A 141 -17.34 -3.14 -5.31
C GLU A 141 -17.80 -4.11 -6.42
N GLY A 142 -17.29 -3.89 -7.62
CA GLY A 142 -17.68 -4.75 -8.74
C GLY A 142 -17.44 -6.22 -8.49
N LEU A 143 -16.36 -6.53 -7.77
CA LEU A 143 -15.99 -7.91 -7.48
C LEU A 143 -16.72 -8.58 -6.34
N ARG A 144 -17.25 -7.80 -5.41
CA ARG A 144 -17.92 -8.37 -4.24
C ARG A 144 -18.98 -9.41 -4.55
N GLU A 145 -19.82 -9.11 -5.53
CA GLU A 145 -20.87 -10.05 -5.88
C GLU A 145 -20.45 -11.12 -6.87
N SER A 146 -19.92 -10.64 -7.99
CA SER A 146 -19.47 -11.50 -9.08
C SER A 146 -18.50 -12.64 -8.75
N ARG A 147 -17.78 -12.56 -7.62
CA ARG A 147 -16.83 -13.62 -7.32
C ARG A 147 -17.49 -14.87 -6.72
N LYS A 148 -18.70 -14.70 -6.18
CA LYS A 148 -19.42 -15.81 -5.59
C LYS A 148 -20.16 -16.58 -6.69
N HIS A 149 -19.56 -16.58 -7.86
CA HIS A 149 -20.13 -17.24 -9.03
C HIS A 149 -19.15 -18.16 -9.73
N ILE A 150 -17.90 -17.72 -9.82
CA ILE A 150 -16.91 -18.53 -10.52
C ILE A 150 -16.47 -19.80 -9.77
N GLU A 151 -15.89 -20.72 -10.56
CA GLU A 151 -15.44 -22.02 -10.09
C GLU A 151 -14.23 -22.00 -9.13
N ASP A 152 -13.15 -21.33 -9.54
CA ASP A 152 -11.95 -21.25 -8.71
C ASP A 152 -12.06 -20.12 -7.69
N GLU A 153 -12.03 -20.46 -6.40
CA GLU A 153 -12.15 -19.44 -5.35
C GLU A 153 -10.85 -18.67 -5.09
N LYS A 154 -9.72 -19.38 -5.10
CA LYS A 154 -8.44 -18.71 -4.90
C LYS A 154 -8.04 -17.96 -6.16
N LEU A 155 -8.93 -17.94 -7.14
CA LEU A 155 -8.67 -17.27 -8.42
C LEU A 155 -8.87 -15.76 -8.29
N VAL A 156 -9.96 -15.34 -7.65
CA VAL A 156 -10.16 -13.93 -7.49
C VAL A 156 -9.01 -13.35 -6.68
N ARG A 157 -8.49 -14.12 -5.72
CA ARG A 157 -7.41 -13.63 -4.88
C ARG A 157 -6.13 -13.33 -5.61
N TYR A 158 -5.71 -14.26 -6.48
CA TYR A 158 -4.49 -14.07 -7.27
C TYR A 158 -4.64 -12.80 -8.10
N PHE A 159 -5.81 -12.63 -8.71
CA PHE A 159 -6.07 -11.45 -9.51
C PHE A 159 -5.91 -10.19 -8.66
N LEU A 160 -6.66 -10.09 -7.56
CA LEU A 160 -6.53 -8.90 -6.72
C LEU A 160 -5.10 -8.71 -6.23
N ASP A 161 -4.47 -9.79 -5.76
CA ASP A 161 -3.09 -9.69 -5.29
C ASP A 161 -2.22 -9.05 -6.37
N LYS A 162 -2.29 -9.67 -7.54
CA LYS A 162 -1.52 -9.29 -8.69
C LYS A 162 -1.85 -7.88 -9.24
N THR A 163 -3.12 -7.53 -9.23
CA THR A 163 -3.50 -6.22 -9.74
C THR A 163 -3.10 -5.13 -8.75
N LEU A 164 -3.61 -5.19 -7.52
CA LEU A 164 -3.24 -4.20 -6.50
C LEU A 164 -1.72 -3.97 -6.30
N THR A 165 -0.93 -5.04 -6.21
CA THR A 165 0.49 -4.83 -6.02
C THR A 165 1.11 -4.08 -7.20
N SER A 166 0.84 -4.55 -8.42
CA SER A 166 1.38 -3.93 -9.62
C SER A 166 0.96 -2.48 -9.70
N ARG A 167 -0.16 -2.15 -9.10
CA ARG A 167 -0.62 -0.80 -9.11
C ARG A 167 0.27 -0.01 -8.14
N LEU A 168 0.56 -0.60 -6.99
CA LEU A 168 1.42 0.07 -6.02
C LEU A 168 2.75 0.36 -6.72
N GLY A 169 3.33 -0.68 -7.32
CA GLY A 169 4.58 -0.52 -8.02
C GLY A 169 4.53 0.66 -8.96
N ILE A 170 3.50 0.72 -9.79
CA ILE A 170 3.33 1.81 -10.73
C ILE A 170 3.28 3.16 -10.02
N ARG A 171 2.30 3.34 -9.14
CA ARG A 171 2.18 4.63 -8.48
C ARG A 171 3.44 5.08 -7.78
N MET A 172 4.25 4.11 -7.34
CA MET A 172 5.50 4.45 -6.65
C MET A 172 6.45 5.05 -7.68
N LEU A 173 6.66 4.27 -8.72
CA LEU A 173 7.52 4.63 -9.82
C LEU A 173 7.10 6.00 -10.36
N ALA A 174 5.79 6.20 -10.51
CA ALA A 174 5.26 7.44 -11.03
C ALA A 174 5.39 8.58 -10.06
N THR A 175 5.06 8.33 -8.80
CA THR A 175 5.16 9.39 -7.81
C THR A 175 6.62 9.76 -7.62
N HIS A 176 7.49 8.76 -7.71
CA HIS A 176 8.92 8.99 -7.56
C HIS A 176 9.44 9.95 -8.63
N HIS A 177 9.14 9.62 -9.89
CA HIS A 177 9.56 10.46 -11.00
C HIS A 177 9.11 11.89 -10.77
N LEU A 178 7.80 12.07 -10.64
CA LEU A 178 7.25 13.39 -10.39
C LEU A 178 8.00 14.04 -9.22
N ALA A 179 8.24 13.25 -8.18
CA ALA A 179 8.92 13.75 -7.00
C ALA A 179 10.30 14.32 -7.32
N LEU A 180 11.03 13.67 -8.23
CA LEU A 180 12.35 14.17 -8.62
C LEU A 180 12.32 15.61 -9.16
N HIS A 181 11.12 16.19 -9.28
CA HIS A 181 11.03 17.57 -9.76
C HIS A 181 11.11 18.52 -8.59
N GLU A 182 10.45 18.16 -7.49
CA GLU A 182 10.46 18.98 -6.29
C GLU A 182 11.75 18.78 -5.48
N ASP A 183 11.91 19.57 -4.43
CA ASP A 183 13.10 19.44 -3.59
C ASP A 183 12.75 19.61 -2.13
N LYS A 184 12.31 18.51 -1.53
CA LYS A 184 11.94 18.46 -0.12
C LYS A 184 13.21 17.99 0.59
N PRO A 185 13.34 18.28 1.89
CA PRO A 185 14.53 17.87 2.65
C PRO A 185 14.51 16.39 3.05
N ASP A 186 15.67 15.75 3.01
CA ASP A 186 15.83 14.34 3.38
C ASP A 186 15.04 13.46 2.43
N PHE A 187 14.98 13.89 1.17
CA PHE A 187 14.25 13.17 0.13
C PHE A 187 14.89 13.27 -1.24
N VAL A 188 14.89 12.15 -1.93
CA VAL A 188 15.37 12.05 -3.32
C VAL A 188 14.19 11.31 -3.96
N GLY A 189 13.27 12.09 -4.53
CA GLY A 189 12.09 11.49 -5.12
C GLY A 189 11.19 11.17 -3.95
N ILE A 190 10.72 9.93 -3.87
CA ILE A 190 9.86 9.51 -2.76
C ILE A 190 10.73 8.74 -1.76
N ILE A 191 12.04 8.71 -2.00
CA ILE A 191 12.96 8.00 -1.12
C ILE A 191 13.46 8.92 -0.02
N CYS A 192 12.96 8.73 1.20
CA CYS A 192 13.42 9.55 2.31
C CYS A 192 14.81 9.07 2.69
N THR A 193 15.74 10.00 2.88
CA THR A 193 17.11 9.60 3.20
C THR A 193 17.34 9.27 4.66
N ARG A 194 16.50 9.81 5.53
CA ARG A 194 16.64 9.53 6.94
C ARG A 194 15.25 9.48 7.56
N LEU A 195 14.59 8.36 7.31
CA LEU A 195 13.24 8.14 7.80
C LEU A 195 13.25 7.67 9.24
N SER A 196 12.30 8.18 10.00
CA SER A 196 12.15 7.79 11.39
C SER A 196 10.91 6.91 11.57
N PRO A 197 11.10 5.61 11.80
CA PRO A 197 9.95 4.72 12.00
C PRO A 197 8.98 5.28 13.05
N LYS A 198 9.55 5.74 14.16
CA LYS A 198 8.74 6.27 15.23
C LYS A 198 7.89 7.43 14.74
N LYS A 199 8.50 8.35 14.01
CA LYS A 199 7.77 9.50 13.49
C LYS A 199 6.63 9.12 12.56
N ILE A 200 6.91 8.26 11.59
CA ILE A 200 5.85 7.88 10.67
C ILE A 200 4.78 7.07 11.40
N ILE A 201 5.20 6.25 12.38
CA ILE A 201 4.24 5.47 13.14
C ILE A 201 3.33 6.47 13.88
N GLU A 202 3.93 7.53 14.42
CA GLU A 202 3.15 8.52 15.14
C GLU A 202 2.18 9.25 14.24
N LYS A 203 2.61 9.57 13.02
CA LYS A 203 1.72 10.25 12.08
C LYS A 203 0.40 9.51 11.98
N TRP A 204 0.49 8.23 11.65
CA TRP A 204 -0.71 7.41 11.49
C TRP A 204 -1.42 7.05 12.79
N VAL A 205 -0.75 7.22 13.92
CA VAL A 205 -1.41 6.94 15.18
C VAL A 205 -2.47 8.02 15.39
N ASP A 206 -2.10 9.29 15.23
CA ASP A 206 -3.04 10.40 15.39
C ASP A 206 -4.19 10.24 14.42
N PHE A 207 -3.82 10.01 13.17
CA PHE A 207 -4.78 9.80 12.12
C PHE A 207 -5.83 8.78 12.51
N ALA A 208 -5.36 7.63 12.97
CA ALA A 208 -6.26 6.56 13.37
C ALA A 208 -6.97 6.87 14.68
N ARG A 209 -6.25 7.46 15.65
CA ARG A 209 -6.85 7.78 16.94
C ARG A 209 -8.07 8.65 16.72
N ARG A 210 -7.95 9.66 15.86
CA ARG A 210 -9.07 10.53 15.55
C ARG A 210 -10.21 9.70 14.98
N LEU A 211 -9.96 9.05 13.86
CA LEU A 211 -10.97 8.19 13.24
C LEU A 211 -11.69 7.31 14.25
N CYS A 212 -10.94 6.80 15.23
CA CYS A 212 -11.50 5.92 16.25
C CYS A 212 -12.32 6.73 17.24
N GLU A 213 -11.74 7.85 17.70
CA GLU A 213 -12.39 8.72 18.67
C GLU A 213 -13.69 9.27 18.11
N HIS A 214 -13.71 9.47 16.80
CA HIS A 214 -14.90 9.99 16.16
C HIS A 214 -16.02 8.96 16.28
N LYS A 215 -15.65 7.68 16.20
CA LYS A 215 -16.64 6.63 16.28
C LYS A 215 -16.98 6.10 17.66
N TYR A 216 -16.09 6.22 18.62
CA TYR A 216 -16.44 5.67 19.91
C TYR A 216 -16.44 6.67 21.04
N GLY A 217 -15.85 7.83 20.80
CA GLY A 217 -15.83 8.83 21.84
C GLY A 217 -14.52 8.75 22.55
N ASN A 218 -13.73 7.78 22.10
CA ASN A 218 -12.40 7.54 22.66
C ASN A 218 -11.57 6.61 21.77
N ALA A 219 -10.30 6.47 22.12
CA ALA A 219 -9.39 5.61 21.38
C ALA A 219 -8.27 5.17 22.31
N PRO A 220 -7.67 4.01 22.02
CA PRO A 220 -6.59 3.58 22.90
C PRO A 220 -5.34 4.43 22.74
N ARG A 221 -4.58 4.61 23.82
CA ARG A 221 -3.34 5.36 23.72
C ARG A 221 -2.42 4.36 23.00
N VAL A 222 -1.36 4.86 22.40
CA VAL A 222 -0.44 3.98 21.71
C VAL A 222 0.97 4.24 22.20
N ARG A 223 1.61 3.22 22.76
CA ARG A 223 3.00 3.32 23.25
C ARG A 223 3.93 2.71 22.22
N ILE A 224 5.09 3.31 22.02
CA ILE A 224 6.01 2.80 21.03
C ILE A 224 7.33 2.51 21.71
N ASN A 225 7.92 1.35 21.50
CA ASN A 225 9.23 1.04 22.13
C ASN A 225 10.19 0.34 21.18
N GLY A 226 11.34 -0.07 21.70
CA GLY A 226 12.34 -0.71 20.85
C GLY A 226 13.22 0.39 20.26
N HIS A 227 13.71 0.18 19.03
CA HIS A 227 14.58 1.17 18.36
C HIS A 227 13.87 2.44 17.96
N VAL A 228 13.33 3.16 18.95
CA VAL A 228 12.60 4.40 18.73
C VAL A 228 13.43 5.57 18.21
N ALA A 229 14.73 5.39 18.04
CA ALA A 229 15.54 6.50 17.55
C ALA A 229 16.16 6.14 16.21
N ALA A 230 15.86 4.96 15.72
CA ALA A 230 16.43 4.56 14.44
C ALA A 230 16.10 5.56 13.36
N ARG A 231 17.04 5.71 12.43
CA ARG A 231 16.85 6.57 11.27
C ARG A 231 17.60 5.96 10.11
N PHE A 232 16.94 5.81 8.97
CA PHE A 232 17.58 5.22 7.82
C PHE A 232 16.88 5.56 6.51
N PRO A 233 17.50 5.21 5.37
CA PRO A 233 16.90 5.48 4.06
C PRO A 233 15.70 4.52 3.94
N PHE A 234 14.56 5.02 3.46
CA PHE A 234 13.38 4.17 3.32
C PHE A 234 12.31 4.89 2.52
N ILE A 235 11.36 4.14 1.97
CA ILE A 235 10.29 4.74 1.19
C ILE A 235 8.98 4.70 1.95
N PRO A 236 8.59 5.84 2.52
CA PRO A 236 7.34 5.86 3.29
C PRO A 236 6.06 5.33 2.66
N MET A 237 5.88 5.50 1.35
CA MET A 237 4.61 5.10 0.70
C MET A 237 3.95 3.82 1.22
N PRO A 238 4.64 2.68 1.07
CA PRO A 238 4.05 1.44 1.54
C PRO A 238 3.64 1.55 3.01
N LEU A 239 4.50 2.13 3.84
CA LEU A 239 4.14 2.30 5.25
C LEU A 239 2.89 3.17 5.34
N ASP A 240 2.79 4.21 4.50
CA ASP A 240 1.59 5.07 4.56
C ASP A 240 0.27 4.35 4.26
N TYR A 241 0.34 3.18 3.67
CA TYR A 241 -0.89 2.49 3.43
C TYR A 241 -1.14 1.41 4.49
N ILE A 242 -0.10 0.65 4.82
CA ILE A 242 -0.19 -0.43 5.78
C ILE A 242 -0.42 0.00 7.22
N LEU A 243 0.44 0.87 7.74
CA LEU A 243 0.28 1.30 9.11
C LEU A 243 -1.11 1.75 9.50
N PRO A 244 -1.76 2.63 8.71
CA PRO A 244 -3.11 3.05 9.09
C PRO A 244 -4.13 1.91 9.07
N GLU A 245 -3.99 1.00 8.10
CA GLU A 245 -4.90 -0.14 8.05
C GLU A 245 -4.76 -0.93 9.36
N LEU A 246 -3.52 -1.31 9.69
CA LEU A 246 -3.29 -2.08 10.91
C LEU A 246 -3.71 -1.33 12.15
N LEU A 247 -3.37 -0.06 12.27
CA LEU A 247 -3.77 0.69 13.45
C LEU A 247 -5.30 0.70 13.55
N LYS A 248 -5.96 0.81 12.40
CA LYS A 248 -7.41 0.82 12.39
C LYS A 248 -7.93 -0.49 12.97
N ASN A 249 -7.40 -1.62 12.48
CA ASN A 249 -7.82 -2.93 12.96
C ASN A 249 -7.64 -3.04 14.48
N ALA A 250 -6.44 -2.71 14.93
CA ALA A 250 -6.12 -2.79 16.33
C ALA A 250 -7.05 -1.95 17.17
N MET A 251 -7.26 -0.70 16.75
CA MET A 251 -8.12 0.21 17.51
C MET A 251 -9.59 -0.19 17.52
N ARG A 252 -10.09 -0.68 16.40
CA ARG A 252 -11.48 -1.10 16.35
C ARG A 252 -11.63 -2.29 17.28
N ALA A 253 -10.72 -3.24 17.17
CA ALA A 253 -10.78 -4.43 18.01
C ALA A 253 -10.87 -4.05 19.49
N THR A 254 -10.00 -3.17 19.93
CA THR A 254 -10.00 -2.77 21.31
C THR A 254 -11.34 -2.19 21.77
N MET A 255 -11.88 -1.25 21.00
CA MET A 255 -13.14 -0.67 21.38
C MET A 255 -14.32 -1.67 21.38
N GLU A 256 -14.48 -2.45 20.31
CA GLU A 256 -15.59 -3.41 20.26
C GLU A 256 -15.49 -4.47 21.36
N SER A 257 -14.32 -4.58 21.97
CA SER A 257 -14.15 -5.58 23.02
C SER A 257 -14.19 -4.95 24.39
N HIS A 258 -14.40 -3.64 24.44
CA HIS A 258 -14.44 -2.95 25.72
C HIS A 258 -15.61 -2.00 25.81
N LEU A 259 -16.73 -2.44 25.24
CA LEU A 259 -17.95 -1.65 25.21
C LEU A 259 -18.45 -1.18 26.57
N ASP A 260 -17.98 -1.80 27.65
CA ASP A 260 -18.41 -1.39 28.99
C ASP A 260 -17.55 -0.29 29.61
N THR A 261 -16.38 -0.06 29.05
CA THR A 261 -15.47 0.92 29.62
C THR A 261 -14.75 1.72 28.55
N PRO A 262 -15.50 2.14 27.53
CA PRO A 262 -14.98 2.93 26.39
C PRO A 262 -14.07 4.03 26.86
N TYR A 263 -14.40 4.59 28.00
CA TYR A 263 -13.62 5.68 28.58
C TYR A 263 -12.28 5.21 29.13
N ASN A 264 -12.08 3.90 29.13
CA ASN A 264 -10.82 3.37 29.66
C ASN A 264 -10.53 2.02 29.00
N VAL A 265 -9.65 2.03 28.00
CA VAL A 265 -9.34 0.80 27.28
C VAL A 265 -7.85 0.54 27.28
N PRO A 266 -7.45 -0.73 27.15
CA PRO A 266 -6.02 -1.07 27.14
C PRO A 266 -5.20 -0.50 25.97
N ASP A 267 -3.98 -0.03 26.24
CA ASP A 267 -3.08 0.54 25.23
C ASP A 267 -2.69 -0.41 24.11
N VAL A 268 -2.24 0.18 23.01
CA VAL A 268 -1.73 -0.57 21.89
C VAL A 268 -0.23 -0.34 22.00
N VAL A 269 0.53 -1.39 21.84
CA VAL A 269 1.97 -1.25 21.97
C VAL A 269 2.66 -1.64 20.70
N ILE A 270 3.40 -0.70 20.12
CA ILE A 270 4.14 -0.94 18.89
C ILE A 270 5.63 -1.09 19.17
N THR A 271 6.24 -2.12 18.61
CA THR A 271 7.66 -2.31 18.86
C THR A 271 8.43 -2.23 17.55
N ILE A 272 9.50 -1.44 17.55
CA ILE A 272 10.33 -1.24 16.37
C ILE A 272 11.61 -2.02 16.52
N ALA A 273 11.89 -2.87 15.55
CA ALA A 273 13.13 -3.65 15.59
C ALA A 273 13.81 -3.36 14.27
N ASN A 274 14.98 -2.74 14.37
CA ASN A 274 15.75 -2.37 13.22
C ASN A 274 17.11 -3.05 13.16
N ASN A 275 17.31 -3.84 12.12
CA ASN A 275 18.55 -4.56 11.96
C ASN A 275 19.05 -4.35 10.53
N ASP A 276 20.19 -4.95 10.19
CA ASP A 276 20.72 -4.78 8.85
C ASP A 276 19.92 -5.37 7.72
N VAL A 277 19.09 -6.34 8.03
CA VAL A 277 18.29 -6.98 6.99
C VAL A 277 16.94 -6.28 6.80
N ASP A 278 16.15 -6.25 7.86
CA ASP A 278 14.82 -5.66 7.74
C ASP A 278 14.37 -4.76 8.86
N LEU A 279 13.26 -4.08 8.62
CA LEU A 279 12.65 -3.25 9.63
C LEU A 279 11.46 -4.09 10.13
N ILE A 280 11.35 -4.34 11.44
CA ILE A 280 10.19 -5.11 11.94
C ILE A 280 9.33 -4.22 12.82
N ILE A 281 8.04 -4.10 12.52
CA ILE A 281 7.17 -3.29 13.38
C ILE A 281 6.04 -4.15 13.92
N ARG A 282 6.06 -4.43 15.22
CA ARG A 282 5.02 -5.27 15.84
C ARG A 282 3.97 -4.42 16.49
N ILE A 283 2.73 -4.70 16.17
CA ILE A 283 1.61 -3.95 16.71
C ILE A 283 0.77 -4.89 17.55
N SER A 284 0.86 -4.74 18.86
CA SER A 284 0.12 -5.58 19.82
C SER A 284 -1.08 -4.94 20.45
N ASP A 285 -2.25 -5.54 20.28
CA ASP A 285 -3.43 -4.98 20.94
C ASP A 285 -3.92 -5.95 22.01
N ARG A 286 -4.82 -5.47 22.86
CA ARG A 286 -5.44 -6.31 23.90
C ARG A 286 -6.94 -6.25 23.59
N GLY A 287 -7.25 -6.37 22.30
CA GLY A 287 -8.63 -6.31 21.86
C GLY A 287 -9.36 -7.63 21.63
N GLY A 288 -8.99 -8.67 22.39
CA GLY A 288 -9.66 -9.96 22.26
C GLY A 288 -9.19 -10.98 21.23
N GLY A 289 -8.27 -10.61 20.33
CA GLY A 289 -7.79 -11.57 19.36
C GLY A 289 -8.71 -11.84 18.18
N ILE A 290 -8.25 -12.71 17.28
CA ILE A 290 -9.01 -13.10 16.11
C ILE A 290 -9.55 -14.49 16.40
N ALA A 291 -10.87 -14.59 16.52
CA ALA A 291 -11.49 -15.88 16.83
C ALA A 291 -11.00 -16.98 15.94
N HIS A 292 -10.89 -18.15 16.56
CA HIS A 292 -10.46 -19.34 15.89
C HIS A 292 -11.27 -19.51 14.61
N LYS A 293 -12.59 -19.34 14.71
CA LYS A 293 -13.46 -19.48 13.55
C LYS A 293 -13.17 -18.46 12.42
N ASP A 294 -12.44 -17.38 12.70
CA ASP A 294 -12.17 -16.39 11.67
C ASP A 294 -10.75 -16.37 11.11
N LEU A 295 -9.84 -17.01 11.83
CA LEU A 295 -8.45 -17.06 11.41
C LEU A 295 -8.18 -17.34 9.94
N ASP A 296 -8.85 -18.31 9.35
CA ASP A 296 -8.60 -18.64 7.95
C ASP A 296 -9.29 -17.71 6.98
N ARG A 297 -9.95 -16.69 7.49
CA ARG A 297 -10.67 -15.79 6.61
C ARG A 297 -10.25 -14.36 6.63
N VAL A 298 -9.73 -13.91 7.75
CA VAL A 298 -9.30 -12.54 7.85
C VAL A 298 -8.32 -12.16 6.72
N MET A 299 -7.63 -13.10 6.11
CA MET A 299 -6.72 -12.69 5.04
C MET A 299 -7.36 -12.74 3.65
N ASP A 300 -8.65 -13.06 3.56
CA ASP A 300 -9.27 -13.16 2.24
C ASP A 300 -9.80 -11.83 1.83
N TYR A 301 -9.69 -11.46 0.55
CA TYR A 301 -10.25 -10.18 0.19
C TYR A 301 -11.75 -10.29 0.44
N HIS A 302 -12.36 -9.21 0.93
CA HIS A 302 -13.79 -9.12 1.24
C HIS A 302 -14.21 -9.68 2.57
N PHE A 303 -13.37 -10.47 3.23
CA PHE A 303 -13.81 -10.97 4.52
C PHE A 303 -13.84 -9.83 5.55
N THR A 304 -14.82 -9.84 6.42
CA THR A 304 -14.88 -8.74 7.38
C THR A 304 -15.96 -9.03 8.38
N THR A 305 -15.73 -8.65 9.64
CA THR A 305 -16.72 -8.86 10.67
C THR A 305 -17.31 -7.50 10.99
N ALA A 306 -17.23 -6.60 10.02
CA ALA A 306 -17.76 -5.23 10.16
C ALA A 306 -19.07 -5.11 9.36
N GLY A 335 -15.24 -0.08 5.09
CA GLY A 335 -14.93 -1.28 5.85
C GLY A 335 -15.29 -2.54 5.08
N PHE A 336 -14.72 -2.68 3.88
CA PHE A 336 -15.01 -3.82 3.01
C PHE A 336 -14.08 -5.04 3.08
N GLY A 337 -13.25 -5.13 4.12
CA GLY A 337 -12.37 -6.27 4.26
C GLY A 337 -11.16 -6.37 3.33
N PHE A 338 -10.48 -5.24 3.10
CA PHE A 338 -9.29 -5.24 2.24
C PHE A 338 -7.98 -5.00 2.97
N GLY A 339 -8.06 -4.32 4.12
CA GLY A 339 -6.91 -3.96 4.93
C GLY A 339 -5.81 -4.99 5.06
N LEU A 340 -6.16 -6.17 5.58
CA LEU A 340 -5.18 -7.21 5.77
C LEU A 340 -4.65 -7.81 4.48
N PRO A 341 -5.52 -8.42 3.65
CA PRO A 341 -5.03 -8.99 2.41
C PRO A 341 -4.28 -7.98 1.54
N THR A 342 -4.71 -6.71 1.58
CA THR A 342 -3.99 -5.72 0.79
C THR A 342 -2.62 -5.46 1.39
N SER A 343 -2.57 -5.25 2.70
CA SER A 343 -1.29 -5.03 3.34
C SER A 343 -0.32 -6.21 3.18
N ARG A 344 -0.84 -7.44 3.20
CA ARG A 344 0.08 -8.55 3.06
C ARG A 344 0.67 -8.58 1.66
N ALA A 345 -0.17 -8.32 0.68
CA ALA A 345 0.30 -8.34 -0.70
C ALA A 345 1.39 -7.27 -0.84
N TYR A 346 1.10 -6.08 -0.34
CA TYR A 346 2.08 -5.03 -0.41
C TYR A 346 3.42 -5.45 0.20
N ALA A 347 3.37 -5.97 1.43
CA ALA A 347 4.58 -6.38 2.11
C ALA A 347 5.34 -7.43 1.32
N GLU A 348 4.65 -8.48 0.92
CA GLU A 348 5.34 -9.52 0.20
C GLU A 348 5.88 -8.98 -1.12
N TYR A 349 5.09 -8.16 -1.80
CA TYR A 349 5.51 -7.57 -3.07
C TYR A 349 6.84 -6.84 -2.91
N LEU A 350 7.00 -6.16 -1.78
CA LEU A 350 8.20 -5.42 -1.49
C LEU A 350 9.32 -6.29 -0.91
N GLY A 351 9.03 -7.54 -0.61
CA GLY A 351 10.06 -8.40 -0.07
C GLY A 351 10.00 -8.57 1.45
N GLY A 352 8.84 -8.31 2.02
CA GLY A 352 8.70 -8.42 3.44
C GLY A 352 7.53 -9.34 3.66
N SER A 353 6.83 -9.14 4.76
CA SER A 353 5.70 -10.01 5.05
C SER A 353 4.86 -9.40 6.15
N LEU A 354 3.68 -9.96 6.37
CA LEU A 354 2.77 -9.50 7.42
C LEU A 354 2.21 -10.77 8.05
N GLN A 355 2.42 -10.92 9.35
CA GLN A 355 1.99 -12.12 10.03
C GLN A 355 1.18 -11.80 11.26
N LEU A 356 0.22 -12.68 11.54
CA LEU A 356 -0.63 -12.50 12.69
C LEU A 356 -0.37 -13.52 13.76
N GLN A 357 -0.51 -13.11 15.01
CA GLN A 357 -0.41 -14.04 16.10
C GLN A 357 -1.65 -13.75 16.94
N SER A 358 -2.59 -14.67 16.92
CA SER A 358 -3.79 -14.46 17.70
C SER A 358 -3.78 -15.08 19.11
N LEU A 359 -4.15 -14.30 20.13
CA LEU A 359 -4.26 -14.82 21.50
C LEU A 359 -5.75 -14.69 21.87
N GLN A 360 -6.53 -15.62 21.34
CA GLN A 360 -7.97 -15.62 21.55
C GLN A 360 -8.31 -15.40 23.00
N GLY A 361 -9.05 -14.32 23.23
CA GLY A 361 -9.46 -13.95 24.56
C GLY A 361 -8.59 -12.86 25.13
N ILE A 362 -7.50 -12.52 24.45
CA ILE A 362 -6.65 -11.49 24.99
C ILE A 362 -6.40 -10.39 23.99
N GLY A 363 -5.88 -10.78 22.83
CA GLY A 363 -5.60 -9.80 21.80
C GLY A 363 -4.83 -10.35 20.62
N THR A 364 -4.38 -9.43 19.78
CA THR A 364 -3.64 -9.84 18.63
C THR A 364 -2.30 -9.13 18.50
N ASP A 365 -1.38 -9.84 17.88
CA ASP A 365 -0.05 -9.30 17.62
C ASP A 365 0.13 -9.38 16.11
N VAL A 366 0.41 -8.23 15.49
CA VAL A 366 0.62 -8.18 14.06
C VAL A 366 2.08 -7.82 13.79
N TYR A 367 2.73 -8.59 12.95
CA TYR A 367 4.13 -8.29 12.69
C TYR A 367 4.34 -7.86 11.27
N LEU A 368 4.75 -6.60 11.11
CA LEU A 368 5.03 -6.09 9.79
C LEU A 368 6.54 -6.14 9.56
N ARG A 369 6.95 -6.74 8.46
CA ARG A 369 8.38 -6.82 8.16
C ARG A 369 8.66 -6.27 6.77
N LEU A 370 9.50 -5.24 6.69
CA LEU A 370 9.88 -4.67 5.42
C LEU A 370 11.39 -4.72 5.26
N ARG A 371 11.87 -5.05 4.06
CA ARG A 371 13.31 -5.09 3.81
C ARG A 371 13.88 -3.71 3.72
N HIS A 372 15.19 -3.61 3.92
CA HIS A 372 15.87 -2.34 3.85
C HIS A 372 16.25 -2.01 2.41
N ILE A 373 16.36 -0.71 2.14
CA ILE A 373 16.65 -0.16 0.82
C ILE A 373 17.30 -1.12 -0.19
N ASP A 374 18.56 -1.47 0.04
CA ASP A 374 19.28 -2.39 -0.81
C ASP A 374 20.63 -2.46 -0.14
N GLY A 375 20.64 -1.87 1.06
CA GLY A 375 21.79 -1.84 1.92
C GLY A 375 21.29 -2.32 3.28
N ARG A 376 22.20 -2.53 4.23
CA ARG A 376 21.83 -2.96 5.57
C ARG A 376 21.58 -1.73 6.46
N GLU A 377 20.48 -1.03 6.19
CA GLU A 377 20.13 0.19 6.92
C GLU A 377 20.07 0.00 8.44
N GLU A 378 20.31 1.10 9.17
CA GLU A 378 20.27 1.09 10.62
C GLU A 378 19.88 2.49 11.07
N SER A 379 20.31 3.45 10.39
#